data_4DGM
#
_entry.id   4DGM
#
_cell.length_a   142.363
_cell.length_b   59.875
_cell.length_c   45.931
_cell.angle_alpha   90.000
_cell.angle_beta   103.400
_cell.angle_gamma   90.000
#
_symmetry.space_group_name_H-M   'C 1 2 1'
#
loop_
_entity.id
_entity.type
_entity.pdbx_description
1 polymer 'Casein kinase II subunit alpha'
2 non-polymer 1,2-ETHANEDIOL
3 non-polymer DI(HYDROXYETHYL)ETHER
4 non-polymer 5,7-dihydroxy-2-(4-hydroxyphenyl)-4H-chromen-4-one
5 water water
#
_entity_poly.entity_id   1
_entity_poly.type   'polypeptide(L)'
_entity_poly.pdbx_seq_one_letter_code
;SKARVYADVNVLRPKEYWDYEALTVQWGEQDDYEVVRKVGRGKYSEVFEGINVNNNEKCIIKILKPVKKKKIKREIKILQ
NLMGGPNIVKLLDIVRDQHSKTPSLIFEYVNNTDFKVLYPTLTDYDIRYYIYELLKALDYCHSQGIMHRDVKPHNVMIDH
ELRKLRLIDWGLAEFYHPGKEYNVRVASRYFKGPELLVDLQDYDYSLDMWSLGCMFAGMIFRKEPFFYGHDNHDQLVKIA
KVLGTDGLNVYLNKYRIELDPQLEALVGRHSRKPWLKFMNADNQHLVSPEAIDFLDKLLRYDHQERLTALEAMTHPYFQQ
VRAAEN
;
_entity_poly.pdbx_strand_id   A
#
loop_
_chem_comp.id
_chem_comp.type
_chem_comp.name
_chem_comp.formula
AGI non-polymer 5,7-dihydroxy-2-(4-hydroxyphenyl)-4H-chromen-4-one 'C15 H10 O5'
EDO non-polymer 1,2-ETHANEDIOL 'C2 H6 O2'
PEG non-polymer DI(HYDROXYETHYL)ETHER 'C4 H10 O3'
#
# COMPACT_ATOMS: atom_id res chain seq x y z
N SER A 1 -8.00 4.01 -19.96
CA SER A 1 -8.23 4.63 -18.64
C SER A 1 -7.03 5.48 -18.21
N LYS A 2 -7.32 6.52 -17.44
CA LYS A 2 -6.34 7.52 -17.02
C LYS A 2 -6.65 8.00 -15.59
N ALA A 3 -5.61 8.30 -14.80
CA ALA A 3 -5.78 8.88 -13.46
C ALA A 3 -6.55 10.20 -13.53
N ARG A 4 -7.46 10.38 -12.58
CA ARG A 4 -8.28 11.59 -12.51
C ARG A 4 -7.54 12.74 -11.81
N VAL A 5 -6.47 12.41 -11.10
CA VAL A 5 -5.61 13.42 -10.47
C VAL A 5 -4.14 13.02 -10.70
N TYR A 6 -3.27 14.03 -10.80
CA TYR A 6 -1.80 13.88 -10.81
C TYR A 6 -1.33 13.12 -12.03
N ALA A 7 -2.15 13.15 -13.09
CA ALA A 7 -1.82 12.38 -14.30
C ALA A 7 -0.61 12.97 -15.03
N ASP A 8 -0.38 14.27 -14.87
CA ASP A 8 0.72 14.96 -15.56
C ASP A 8 2.05 15.07 -14.77
N VAL A 9 2.13 14.44 -13.60
CA VAL A 9 3.30 14.69 -12.73
C VAL A 9 4.61 14.40 -13.47
N ASN A 10 4.77 13.17 -13.94
CA ASN A 10 6.00 12.77 -14.64
C ASN A 10 6.22 13.43 -16.00
N VAL A 11 5.15 13.92 -16.60
CA VAL A 11 5.20 14.66 -17.86
C VAL A 11 5.91 16.03 -17.72
N LEU A 12 5.57 16.77 -16.67
CA LEU A 12 6.14 18.10 -16.42
C LEU A 12 7.56 18.04 -15.89
N ARG A 13 7.90 16.96 -15.21
CA ARG A 13 9.20 16.86 -14.56
C ARG A 13 10.26 16.41 -15.56
N PRO A 14 11.52 16.82 -15.34
CA PRO A 14 12.58 16.39 -16.25
C PRO A 14 12.75 14.88 -16.20
N LYS A 15 13.23 14.30 -17.30
CA LYS A 15 13.37 12.85 -17.46
C LYS A 15 14.14 12.20 -16.32
N GLU A 16 15.16 12.88 -15.83
CA GLU A 16 15.95 12.42 -14.67
C GLU A 16 15.10 12.02 -13.47
N TYR A 17 13.96 12.67 -13.27
CA TYR A 17 13.07 12.34 -12.17
C TYR A 17 12.54 10.89 -12.23
N TRP A 18 12.04 10.48 -13.40
CA TRP A 18 11.36 9.19 -13.57
C TRP A 18 12.16 8.12 -14.30
N ASP A 19 13.22 8.54 -14.98
CA ASP A 19 14.09 7.61 -15.73
C ASP A 19 15.07 6.91 -14.78
N TYR A 20 14.53 5.97 -14.00
CA TYR A 20 15.29 5.26 -12.98
C TYR A 20 16.40 4.34 -13.49
N GLU A 21 16.31 3.91 -14.75
CA GLU A 21 17.37 3.05 -15.32
C GLU A 21 18.67 3.81 -15.55
N ALA A 22 18.57 5.13 -15.71
CA ALA A 22 19.74 5.99 -15.88
C ALA A 22 20.44 6.36 -14.56
N LEU A 23 19.85 5.93 -13.44
CA LEU A 23 20.47 6.16 -12.13
C LEU A 23 21.80 5.43 -12.03
N THR A 24 22.78 6.09 -11.42
CA THR A 24 24.02 5.45 -11.01
C THR A 24 24.12 5.57 -9.51
N VAL A 25 24.19 4.42 -8.82
CA VAL A 25 24.15 4.38 -7.36
C VAL A 25 25.50 4.78 -6.77
N GLN A 26 25.46 5.68 -5.80
CA GLN A 26 26.66 6.02 -5.04
C GLN A 26 26.64 5.21 -3.74
N TRP A 27 27.54 4.23 -3.63
CA TRP A 27 27.52 3.29 -2.51
C TRP A 27 28.20 3.82 -1.29
N GLY A 28 27.56 3.62 -0.13
CA GLY A 28 28.14 4.00 1.16
C GLY A 28 29.13 2.96 1.66
N GLU A 29 29.40 3.03 2.95
CA GLU A 29 30.32 2.09 3.59
C GLU A 29 29.53 0.99 4.32
N GLN A 30 29.64 -0.24 3.83
CA GLN A 30 28.97 -1.41 4.43
C GLN A 30 29.24 -1.51 5.93
N ASP A 31 30.50 -1.25 6.31
CA ASP A 31 30.96 -1.31 7.70
C ASP A 31 30.30 -0.36 8.69
N ASP A 32 29.66 0.71 8.19
CA ASP A 32 28.98 1.68 9.05
C ASP A 32 27.79 1.07 9.79
N TYR A 33 27.26 -0.04 9.29
CA TYR A 33 25.98 -0.57 9.76
C TYR A 33 26.07 -2.03 10.19
N GLU A 34 25.84 -2.29 11.47
CA GLU A 34 25.96 -3.65 11.99
C GLU A 34 24.60 -4.26 12.32
N VAL A 35 24.43 -5.52 11.96
CA VAL A 35 23.17 -6.23 12.23
C VAL A 35 23.03 -6.55 13.72
N VAL A 36 21.91 -6.15 14.32
CA VAL A 36 21.64 -6.49 15.73
C VAL A 36 20.71 -7.71 15.84
N ARG A 37 19.61 -7.70 15.09
CA ARG A 37 18.64 -8.80 15.10
C ARG A 37 17.75 -8.78 13.87
N LYS A 38 17.30 -9.96 13.44
CA LYS A 38 16.34 -10.03 12.35
C LYS A 38 14.95 -9.55 12.82
N VAL A 39 14.24 -8.81 11.98
CA VAL A 39 12.90 -8.34 12.33
C VAL A 39 11.85 -8.79 11.32
N GLY A 40 12.26 -9.15 10.12
CA GLY A 40 11.28 -9.46 9.08
C GLY A 40 11.89 -10.03 7.84
N ARG A 41 11.03 -10.43 6.92
CA ARG A 41 11.46 -11.07 5.68
C ARG A 41 10.28 -11.18 4.73
N GLY A 42 10.60 -11.36 3.47
CA GLY A 42 9.60 -11.54 2.43
C GLY A 42 10.30 -12.18 1.26
N LYS A 43 9.55 -12.35 0.17
CA LYS A 43 10.07 -12.92 -1.05
C LYS A 43 11.32 -12.21 -1.58
N TYR A 44 11.42 -10.90 -1.34
CA TYR A 44 12.50 -10.12 -1.97
C TYR A 44 13.58 -9.56 -1.04
N SER A 45 13.41 -9.71 0.26
CA SER A 45 14.41 -9.18 1.18
C SER A 45 14.35 -9.82 2.55
N GLU A 46 15.38 -9.56 3.33
CA GLU A 46 15.37 -9.79 4.76
C GLU A 46 15.71 -8.49 5.45
N VAL A 47 15.11 -8.31 6.62
CA VAL A 47 15.12 -7.01 7.27
C VAL A 47 15.63 -7.20 8.69
N PHE A 48 16.60 -6.36 9.07
CA PHE A 48 17.22 -6.43 10.37
C PHE A 48 17.23 -5.09 11.04
N GLU A 49 17.02 -5.08 12.35
CA GLU A 49 17.37 -3.93 13.16
C GLU A 49 18.90 -3.87 13.15
N GLY A 50 19.44 -2.67 12.92
CA GLY A 50 20.86 -2.45 12.94
C GLY A 50 21.29 -1.28 13.81
N ILE A 51 22.60 -1.08 13.84
CA ILE A 51 23.25 0.03 14.52
C ILE A 51 24.19 0.73 13.54
N ASN A 52 24.07 2.05 13.44
CA ASN A 52 25.07 2.88 12.78
C ASN A 52 26.21 3.02 13.76
N VAL A 53 27.37 2.44 13.44
CA VAL A 53 28.51 2.43 14.39
C VAL A 53 29.16 3.79 14.61
N ASN A 54 28.93 4.75 13.71
CA ASN A 54 29.45 6.12 13.87
C ASN A 54 28.77 6.86 15.00
N ASN A 55 27.44 7.00 14.90
CA ASN A 55 26.65 7.76 15.86
C ASN A 55 25.89 6.89 16.88
N ASN A 56 25.99 5.57 16.71
CA ASN A 56 25.34 4.58 17.60
C ASN A 56 23.81 4.63 17.64
N GLU A 57 23.22 5.26 16.65
CA GLU A 57 21.77 5.28 16.47
C GLU A 57 21.27 4.04 15.74
N LYS A 58 20.05 3.63 16.07
CA LYS A 58 19.40 2.48 15.43
C LYS A 58 19.09 2.74 13.97
N CYS A 59 19.07 1.68 13.18
CA CYS A 59 18.65 1.77 11.79
C CYS A 59 18.03 0.44 11.36
N ILE A 60 17.52 0.40 10.15
CA ILE A 60 17.01 -0.84 9.56
C ILE A 60 17.93 -1.15 8.40
N ILE A 61 18.38 -2.40 8.33
CA ILE A 61 19.17 -2.87 7.22
C ILE A 61 18.32 -3.84 6.43
N LYS A 62 18.04 -3.47 5.18
CA LYS A 62 17.24 -4.31 4.28
C LYS A 62 18.15 -4.99 3.29
N ILE A 63 18.39 -6.29 3.50
CA ILE A 63 19.29 -7.03 2.60
C ILE A 63 18.48 -7.61 1.45
N LEU A 64 18.79 -7.18 0.24
CA LEU A 64 18.01 -7.58 -0.93
C LEU A 64 18.43 -8.96 -1.46
N LYS A 65 17.45 -9.80 -1.72
CA LYS A 65 17.65 -11.10 -2.35
C LYS A 65 17.96 -10.87 -3.84
N PRO A 66 18.64 -11.83 -4.49
CA PRO A 66 19.06 -11.62 -5.88
C PRO A 66 17.98 -10.99 -6.76
N VAL A 67 18.27 -9.77 -7.22
CA VAL A 67 17.32 -8.92 -7.90
C VAL A 67 17.98 -8.38 -9.17
N LYS A 68 17.20 -8.13 -10.21
CA LYS A 68 17.73 -7.50 -11.41
C LYS A 68 18.01 -6.00 -11.22
N LYS A 69 19.12 -5.55 -11.79
CA LYS A 69 19.57 -4.15 -11.84
C LYS A 69 18.42 -3.14 -11.96
N LYS A 70 17.57 -3.34 -12.98
CA LYS A 70 16.44 -2.46 -13.25
C LYS A 70 15.57 -2.24 -12.03
N LYS A 71 15.21 -3.34 -11.37
CA LYS A 71 14.27 -3.33 -10.25
C LYS A 71 14.84 -2.67 -8.98
N ILE A 72 16.13 -2.94 -8.69
CA ILE A 72 16.79 -2.27 -7.55
C ILE A 72 16.89 -0.76 -7.80
N LYS A 73 17.23 -0.36 -9.04
CA LYS A 73 17.31 1.07 -9.37
C LYS A 73 15.95 1.75 -9.24
N ARG A 74 14.89 1.02 -9.57
CA ARG A 74 13.52 1.55 -9.44
C ARG A 74 13.17 1.88 -7.98
N GLU A 75 13.40 0.92 -7.08
CA GLU A 75 13.12 1.11 -5.66
C GLU A 75 13.97 2.25 -5.09
N ILE A 76 15.26 2.26 -5.45
CA ILE A 76 16.16 3.33 -4.99
C ILE A 76 15.71 4.72 -5.46
N LYS A 77 15.47 4.86 -6.76
CA LYS A 77 15.01 6.11 -7.33
C LYS A 77 13.72 6.65 -6.70
N ILE A 78 12.77 5.76 -6.44
CA ILE A 78 11.48 6.13 -5.81
C ILE A 78 11.72 6.59 -4.37
N LEU A 79 12.56 5.86 -3.66
CA LEU A 79 12.87 6.23 -2.29
C LEU A 79 13.55 7.61 -2.20
N GLN A 80 14.49 7.88 -3.10
CA GLN A 80 15.19 9.15 -3.17
C GLN A 80 14.22 10.29 -3.53
N ASN A 81 13.35 10.03 -4.50
CA ASN A 81 12.33 11.02 -4.89
C ASN A 81 11.39 11.37 -3.74
N LEU A 82 11.03 10.38 -2.93
CA LEU A 82 10.05 10.55 -1.87
C LEU A 82 10.65 10.89 -0.48
N MET A 83 11.96 10.74 -0.33
CA MET A 83 12.62 11.01 0.94
C MET A 83 12.21 12.39 1.48
N GLY A 84 11.73 12.42 2.72
CA GLY A 84 11.29 13.70 3.31
C GLY A 84 9.79 13.96 3.28
N GLY A 85 9.06 13.26 2.42
CA GLY A 85 7.59 13.38 2.37
C GLY A 85 6.90 12.80 3.60
N PRO A 86 5.69 13.25 3.91
CA PRO A 86 5.06 12.83 5.18
C PRO A 86 4.81 11.33 5.26
N ASN A 87 5.29 10.75 6.36
CA ASN A 87 5.16 9.33 6.69
C ASN A 87 5.73 8.35 5.66
N ILE A 88 6.60 8.83 4.78
CA ILE A 88 7.38 7.94 3.88
C ILE A 88 8.64 7.47 4.63
N VAL A 89 8.88 6.15 4.67
CA VAL A 89 10.16 5.65 5.23
C VAL A 89 11.35 6.39 4.61
N LYS A 90 12.34 6.77 5.42
CA LYS A 90 13.52 7.52 4.94
C LYS A 90 14.66 6.57 4.61
N LEU A 91 15.05 6.54 3.33
CA LEU A 91 16.27 5.85 2.92
C LEU A 91 17.49 6.69 3.29
N LEU A 92 18.40 6.10 4.07
CA LEU A 92 19.53 6.83 4.63
C LEU A 92 20.84 6.55 3.91
N ASP A 93 20.99 5.33 3.42
CA ASP A 93 22.24 4.89 2.77
C ASP A 93 21.97 3.67 1.90
N ILE A 94 22.89 3.37 1.01
CA ILE A 94 22.85 2.21 0.13
C ILE A 94 24.26 1.62 0.16
N VAL A 95 24.37 0.35 0.54
CA VAL A 95 25.69 -0.29 0.70
C VAL A 95 25.71 -1.67 0.08
N ARG A 96 26.89 -2.25 -0.09
CA ARG A 96 26.94 -3.60 -0.63
C ARG A 96 28.14 -4.34 -0.07
N ASP A 97 28.00 -5.66 -0.03
CA ASP A 97 29.07 -6.55 0.31
C ASP A 97 30.07 -6.56 -0.84
N GLN A 98 31.35 -6.40 -0.55
CA GLN A 98 32.35 -6.33 -1.61
C GLN A 98 32.46 -7.65 -2.40
N HIS A 99 32.46 -8.78 -1.70
CA HIS A 99 32.63 -10.09 -2.34
C HIS A 99 31.49 -10.51 -3.22
N SER A 100 30.26 -10.41 -2.72
CA SER A 100 29.09 -10.94 -3.44
C SER A 100 28.29 -9.85 -4.14
N LYS A 101 28.59 -8.59 -3.84
CA LYS A 101 27.84 -7.43 -4.37
C LYS A 101 26.38 -7.42 -3.91
N THR A 102 26.10 -8.07 -2.79
CA THR A 102 24.73 -8.08 -2.25
C THR A 102 24.40 -6.69 -1.72
N PRO A 103 23.33 -6.07 -2.25
CA PRO A 103 23.02 -4.73 -1.78
C PRO A 103 22.14 -4.72 -0.53
N SER A 104 22.40 -3.74 0.35
CA SER A 104 21.53 -3.47 1.48
C SER A 104 21.04 -2.04 1.39
N LEU A 105 19.77 -1.86 1.67
CA LEU A 105 19.25 -0.52 1.85
C LEU A 105 19.18 -0.20 3.32
N ILE A 106 19.60 1.00 3.69
CA ILE A 106 19.63 1.40 5.10
C ILE A 106 18.55 2.45 5.33
N PHE A 107 17.70 2.20 6.32
CA PHE A 107 16.53 3.06 6.57
C PHE A 107 16.54 3.58 7.99
N GLU A 108 15.78 4.64 8.24
CA GLU A 108 15.48 5.04 9.61
C GLU A 108 14.84 3.85 10.30
N TYR A 109 15.02 3.76 11.62
CA TYR A 109 14.39 2.70 12.37
C TYR A 109 13.06 3.14 12.92
N VAL A 110 12.05 2.27 12.78
CA VAL A 110 10.74 2.50 13.39
C VAL A 110 10.53 1.40 14.40
N ASN A 111 10.21 1.77 15.64
CA ASN A 111 9.95 0.78 16.67
C ASN A 111 8.54 0.21 16.50
N ASN A 112 8.41 -0.64 15.49
CA ASN A 112 7.12 -1.23 15.11
C ASN A 112 6.53 -2.25 16.08
N THR A 113 5.18 -2.23 16.17
CA THR A 113 4.43 -3.34 16.74
C THR A 113 3.66 -4.06 15.63
N ASP A 114 3.85 -5.37 15.48
CA ASP A 114 3.20 -6.09 14.37
CA ASP A 114 3.20 -6.09 14.37
C ASP A 114 1.69 -5.90 14.38
N PHE A 115 1.12 -5.67 13.20
CA PHE A 115 -0.32 -5.42 13.09
C PHE A 115 -1.22 -6.50 13.72
N LYS A 116 -0.78 -7.77 13.69
CA LYS A 116 -1.61 -8.85 14.22
C LYS A 116 -1.87 -8.70 15.73
N VAL A 117 -0.91 -8.09 16.41
CA VAL A 117 -1.09 -7.82 17.83
CA VAL A 117 -1.03 -7.81 17.85
C VAL A 117 -1.51 -6.37 18.09
N LEU A 118 -1.03 -5.44 17.27
CA LEU A 118 -1.41 -4.02 17.44
C LEU A 118 -2.89 -3.74 17.14
N TYR A 119 -3.35 -4.14 15.95
CA TYR A 119 -4.67 -3.68 15.46
C TYR A 119 -5.85 -4.01 16.39
N PRO A 120 -5.83 -5.22 17.04
CA PRO A 120 -6.92 -5.54 17.99
C PRO A 120 -6.99 -4.68 19.27
N THR A 121 -5.91 -3.96 19.57
CA THR A 121 -5.86 -3.05 20.73
C THR A 121 -6.30 -1.63 20.34
N LEU A 122 -6.35 -1.33 19.05
CA LEU A 122 -6.62 0.07 18.65
C LEU A 122 -8.05 0.52 18.95
N THR A 123 -8.17 1.68 19.57
CA THR A 123 -9.51 2.29 19.73
C THR A 123 -10.10 2.76 18.39
N ASP A 124 -11.40 3.13 18.36
CA ASP A 124 -12.02 3.73 17.16
C ASP A 124 -11.19 4.92 16.75
N TYR A 125 -10.88 5.79 17.72
CA TYR A 125 -10.10 6.97 17.39
C TYR A 125 -8.73 6.65 16.79
N ASP A 126 -8.02 5.63 17.30
CA ASP A 126 -6.69 5.31 16.79
C ASP A 126 -6.75 4.81 15.34
N ILE A 127 -7.82 4.09 15.01
CA ILE A 127 -7.99 3.60 13.64
CA ILE A 127 -8.03 3.60 13.65
C ILE A 127 -8.14 4.82 12.74
N ARG A 128 -8.95 5.78 13.15
CA ARG A 128 -9.12 6.95 12.31
C ARG A 128 -7.80 7.71 12.17
N TYR A 129 -7.09 7.82 13.28
CA TYR A 129 -5.81 8.51 13.29
C TYR A 129 -4.79 7.83 12.35
N TYR A 130 -4.60 6.53 12.54
CA TYR A 130 -3.57 5.87 11.74
C TYR A 130 -3.94 5.77 10.28
N ILE A 131 -5.23 5.59 9.98
CA ILE A 131 -5.63 5.57 8.54
C ILE A 131 -5.37 6.95 7.95
N TYR A 132 -5.67 8.01 8.71
CA TYR A 132 -5.36 9.38 8.22
C TYR A 132 -3.86 9.56 7.92
N GLU A 133 -3.00 9.07 8.83
CA GLU A 133 -1.54 9.18 8.67
C GLU A 133 -1.09 8.41 7.42
N LEU A 134 -1.68 7.24 7.22
CA LEU A 134 -1.38 6.44 6.01
C LEU A 134 -1.86 7.18 4.77
N LEU A 135 -3.02 7.83 4.85
CA LEU A 135 -3.50 8.62 3.70
C LEU A 135 -2.57 9.78 3.33
N LYS A 136 -1.88 10.37 4.32
CA LYS A 136 -0.91 11.44 4.08
C LYS A 136 0.22 10.92 3.17
N ALA A 137 0.67 9.70 3.43
CA ALA A 137 1.78 9.12 2.70
C ALA A 137 1.33 8.87 1.29
N LEU A 138 0.11 8.35 1.16
CA LEU A 138 -0.40 8.00 -0.18
C LEU A 138 -0.68 9.24 -1.00
N ASP A 139 -1.29 10.28 -0.42
CA ASP A 139 -1.49 11.48 -1.21
C ASP A 139 -0.14 12.05 -1.63
N TYR A 140 0.86 12.00 -0.75
CA TYR A 140 2.16 12.53 -1.07
C TYR A 140 2.74 11.72 -2.24
N CYS A 141 2.80 10.39 -2.13
CA CYS A 141 3.45 9.63 -3.23
C CYS A 141 2.72 9.79 -4.55
N HIS A 142 1.38 9.81 -4.51
CA HIS A 142 0.60 10.01 -5.75
C HIS A 142 0.92 11.39 -6.34
N SER A 143 1.04 12.42 -5.47
CA SER A 143 1.33 13.81 -5.93
C SER A 143 2.70 13.94 -6.57
N GLN A 144 3.55 12.96 -6.27
CA GLN A 144 4.91 12.90 -6.80
C GLN A 144 5.01 11.90 -7.97
N GLY A 145 3.87 11.45 -8.49
CA GLY A 145 3.83 10.56 -9.63
C GLY A 145 4.10 9.08 -9.39
N ILE A 146 3.96 8.64 -8.14
CA ILE A 146 4.31 7.25 -7.80
C ILE A 146 3.12 6.47 -7.23
N MET A 147 2.92 5.26 -7.73
CA MET A 147 1.95 4.34 -7.13
C MET A 147 2.73 3.35 -6.26
N HIS A 148 2.27 3.06 -5.05
CA HIS A 148 2.96 2.13 -4.17
C HIS A 148 2.80 0.69 -4.62
N ARG A 149 1.55 0.30 -4.89
CA ARG A 149 1.21 -1.03 -5.46
C ARG A 149 1.39 -2.23 -4.51
N ASP A 150 1.62 -1.96 -3.23
CA ASP A 150 1.69 -3.02 -2.27
C ASP A 150 1.22 -2.57 -0.90
N VAL A 151 0.09 -1.84 -0.87
CA VAL A 151 -0.45 -1.39 0.39
C VAL A 151 -1.07 -2.57 1.13
N LYS A 152 -0.60 -2.77 2.35
CA LYS A 152 -1.10 -3.83 3.20
C LYS A 152 -0.54 -3.53 4.59
N PRO A 153 -1.13 -4.11 5.65
CA PRO A 153 -0.68 -3.80 7.01
C PRO A 153 0.79 -4.16 7.25
N HIS A 154 1.30 -5.19 6.54
CA HIS A 154 2.70 -5.62 6.64
C HIS A 154 3.66 -4.52 6.21
N ASN A 155 3.14 -3.59 5.41
CA ASN A 155 3.96 -2.50 4.88
C ASN A 155 3.69 -1.17 5.54
N VAL A 156 3.06 -1.23 6.69
CA VAL A 156 2.81 0.00 7.44
C VAL A 156 3.41 -0.19 8.83
N MET A 157 4.50 0.53 9.08
CA MET A 157 5.21 0.47 10.38
C MET A 157 4.60 1.51 11.30
N ILE A 158 4.30 1.10 12.52
CA ILE A 158 3.71 1.98 13.52
C ILE A 158 4.43 1.89 14.85
N ASP A 159 5.03 3.01 15.26
CA ASP A 159 5.49 3.14 16.64
CA ASP A 159 5.51 3.15 16.63
C ASP A 159 4.32 3.73 17.41
N HIS A 160 3.60 2.87 18.11
CA HIS A 160 2.35 3.24 18.77
C HIS A 160 2.57 4.17 19.93
N GLU A 161 3.77 4.17 20.50
CA GLU A 161 4.11 5.12 21.58
C GLU A 161 4.27 6.54 21.09
N LEU A 162 5.05 6.72 20.03
CA LEU A 162 5.30 8.05 19.45
C LEU A 162 4.19 8.46 18.49
N ARG A 163 3.23 7.55 18.27
CA ARG A 163 2.14 7.70 17.27
C ARG A 163 2.66 8.06 15.88
N LYS A 164 3.69 7.32 15.47
CA LYS A 164 4.42 7.56 14.24
C LYS A 164 4.18 6.40 13.27
N LEU A 165 3.85 6.73 12.03
CA LEU A 165 3.54 5.73 11.02
C LEU A 165 4.49 5.94 9.86
N ARG A 166 4.99 4.84 9.27
CA ARG A 166 5.77 4.98 8.05
C ARG A 166 5.27 3.96 7.05
N LEU A 167 5.08 4.38 5.80
CA LEU A 167 4.80 3.46 4.72
C LEU A 167 6.15 2.98 4.14
N ILE A 168 6.35 1.68 4.23
CA ILE A 168 7.61 1.00 3.84
C ILE A 168 7.45 0.11 2.60
N ASP A 169 8.57 -0.52 2.24
CA ASP A 169 8.71 -1.45 1.11
C ASP A 169 8.18 -0.93 -0.23
N TRP A 170 8.99 -0.07 -0.83
CA TRP A 170 8.71 0.53 -2.12
C TRP A 170 9.21 -0.31 -3.29
N GLY A 171 9.47 -1.60 -3.04
CA GLY A 171 10.01 -2.50 -4.05
C GLY A 171 9.07 -2.90 -5.20
N LEU A 172 7.77 -2.70 -4.99
CA LEU A 172 6.77 -2.95 -6.04
C LEU A 172 6.24 -1.63 -6.61
N ALA A 173 6.75 -0.51 -6.12
CA ALA A 173 6.24 0.82 -6.51
C ALA A 173 6.66 1.18 -7.96
N GLU A 174 5.88 2.02 -8.62
CA GLU A 174 6.15 2.36 -10.00
C GLU A 174 5.78 3.83 -10.26
N PHE A 175 6.40 4.41 -11.28
CA PHE A 175 6.03 5.74 -11.76
C PHE A 175 4.77 5.62 -12.60
N TYR A 176 3.80 6.50 -12.35
CA TYR A 176 2.62 6.56 -13.19
C TYR A 176 2.80 7.43 -14.44
N HIS A 177 2.54 6.86 -15.63
CA HIS A 177 2.58 7.56 -16.94
C HIS A 177 1.26 7.32 -17.65
N PRO A 178 0.58 8.41 -18.08
CA PRO A 178 -0.74 8.25 -18.72
C PRO A 178 -0.68 7.30 -19.92
N GLY A 179 -1.52 6.27 -19.88
CA GLY A 179 -1.71 5.36 -21.03
C GLY A 179 -0.88 4.11 -20.95
N LYS A 180 -0.03 4.02 -19.91
CA LYS A 180 0.92 2.90 -19.79
C LYS A 180 0.25 1.63 -19.29
N GLU A 181 0.60 0.49 -19.90
CA GLU A 181 0.10 -0.79 -19.42
C GLU A 181 1.08 -1.43 -18.45
N TYR A 182 0.58 -1.74 -17.26
CA TYR A 182 1.41 -2.22 -16.17
C TYR A 182 1.24 -3.71 -15.96
N ASN A 183 2.24 -4.31 -15.30
CA ASN A 183 2.14 -5.69 -14.85
C ASN A 183 1.03 -5.77 -13.81
N VAL A 184 0.13 -6.74 -13.93
CA VAL A 184 -0.93 -6.89 -12.92
C VAL A 184 -0.51 -7.80 -11.75
N ARG A 185 0.65 -8.44 -11.90
CA ARG A 185 1.22 -9.24 -10.82
C ARG A 185 1.93 -8.34 -9.79
N VAL A 186 1.15 -7.45 -9.19
CA VAL A 186 1.61 -6.58 -8.12
C VAL A 186 0.65 -6.68 -6.95
N ALA A 187 1.01 -6.06 -5.83
CA ALA A 187 0.17 -6.10 -4.64
C ALA A 187 -0.04 -7.53 -4.14
N SER A 188 -0.27 -7.67 -2.84
CA SER A 188 -0.47 -8.97 -2.23
CA SER A 188 -0.45 -8.99 -2.28
C SER A 188 -1.88 -9.43 -2.55
N ARG A 189 -2.07 -10.74 -2.76
CA ARG A 189 -3.39 -11.24 -3.21
C ARG A 189 -4.62 -10.61 -2.55
N TYR A 190 -4.65 -10.60 -1.22
CA TYR A 190 -5.80 -10.09 -0.47
C TYR A 190 -6.07 -8.60 -0.70
N PHE A 191 -5.08 -7.89 -1.23
CA PHE A 191 -5.18 -6.45 -1.44
C PHE A 191 -5.21 -6.03 -2.91
N LYS A 192 -5.29 -7.00 -3.82
CA LYS A 192 -5.33 -6.72 -5.25
C LYS A 192 -6.68 -6.17 -5.63
N GLY A 193 -6.67 -5.04 -6.31
CA GLY A 193 -7.89 -4.47 -6.87
C GLY A 193 -8.50 -5.31 -7.97
N PRO A 194 -9.81 -5.16 -8.20
CA PRO A 194 -10.45 -5.82 -9.34
C PRO A 194 -9.68 -5.64 -10.66
N GLU A 195 -9.13 -4.45 -10.88
CA GLU A 195 -8.36 -4.16 -12.11
C GLU A 195 -7.25 -5.18 -12.36
N LEU A 196 -6.60 -5.60 -11.28
CA LEU A 196 -5.53 -6.58 -11.34
C LEU A 196 -6.13 -7.94 -11.63
N LEU A 197 -7.29 -8.21 -11.02
CA LEU A 197 -7.90 -9.53 -11.10
C LEU A 197 -8.64 -9.80 -12.42
N VAL A 198 -8.95 -8.75 -13.15
CA VAL A 198 -9.62 -8.89 -14.43
C VAL A 198 -8.70 -8.49 -15.60
N ASP A 199 -7.42 -8.27 -15.28
CA ASP A 199 -6.38 -7.94 -16.27
C ASP A 199 -6.48 -6.58 -16.93
N LEU A 200 -6.99 -5.60 -16.20
CA LEU A 200 -6.99 -4.22 -16.66
C LEU A 200 -5.61 -3.65 -16.31
N GLN A 201 -4.79 -3.49 -17.34
CA GLN A 201 -3.38 -3.11 -17.20
C GLN A 201 -3.11 -1.61 -17.12
N ASP A 202 -4.01 -0.80 -17.68
CA ASP A 202 -3.81 0.66 -17.62
C ASP A 202 -4.42 1.24 -16.34
N TYR A 203 -3.98 0.71 -15.20
CA TYR A 203 -4.46 1.18 -13.89
C TYR A 203 -3.64 2.37 -13.40
N ASP A 204 -3.99 2.88 -12.22
CA ASP A 204 -3.35 4.09 -11.72
C ASP A 204 -3.29 4.12 -10.20
N TYR A 205 -3.03 5.30 -9.62
CA TYR A 205 -2.96 5.50 -8.17
C TYR A 205 -4.13 4.89 -7.40
N SER A 206 -5.30 4.89 -8.04
CA SER A 206 -6.51 4.35 -7.42
C SER A 206 -6.40 2.91 -6.98
N LEU A 207 -5.42 2.18 -7.53
CA LEU A 207 -5.16 0.83 -7.06
C LEU A 207 -4.86 0.83 -5.57
N ASP A 208 -4.06 1.81 -5.12
CA ASP A 208 -3.68 1.90 -3.71
C ASP A 208 -4.89 2.16 -2.82
N MET A 209 -5.90 2.83 -3.38
CA MET A 209 -7.08 3.18 -2.57
C MET A 209 -7.98 1.95 -2.36
N TRP A 210 -7.99 1.02 -3.33
CA TRP A 210 -8.63 -0.27 -3.13
C TRP A 210 -7.92 -1.01 -2.01
N SER A 211 -6.60 -1.12 -2.10
CA SER A 211 -5.81 -1.82 -1.08
C SER A 211 -6.05 -1.20 0.30
N LEU A 212 -6.11 0.13 0.35
CA LEU A 212 -6.38 0.81 1.62
C LEU A 212 -7.78 0.42 2.14
N GLY A 213 -8.77 0.38 1.24
CA GLY A 213 -10.14 -0.05 1.59
C GLY A 213 -10.16 -1.45 2.20
N CYS A 214 -9.38 -2.35 1.62
CA CYS A 214 -9.29 -3.72 2.17
C CYS A 214 -8.73 -3.72 3.58
N MET A 215 -7.64 -2.98 3.77
CA MET A 215 -6.99 -2.82 5.05
C MET A 215 -7.96 -2.25 6.08
N PHE A 216 -8.69 -1.22 5.65
CA PHE A 216 -9.67 -0.54 6.50
C PHE A 216 -10.84 -1.43 6.91
N ALA A 217 -11.44 -2.12 5.94
CA ALA A 217 -12.49 -3.11 6.22
C ALA A 217 -12.01 -4.14 7.23
N GLY A 218 -10.79 -4.64 7.03
CA GLY A 218 -10.20 -5.60 7.96
C GLY A 218 -10.12 -5.09 9.38
N MET A 219 -9.80 -3.80 9.53
CA MET A 219 -9.67 -3.13 10.83
C MET A 219 -11.02 -2.92 11.51
N ILE A 220 -11.98 -2.33 10.79
CA ILE A 220 -13.27 -2.02 11.44
C ILE A 220 -14.19 -3.22 11.68
N PHE A 221 -14.10 -4.23 10.82
CA PHE A 221 -14.91 -5.45 10.94
C PHE A 221 -14.16 -6.59 11.64
N ARG A 222 -12.89 -6.35 11.99
CA ARG A 222 -12.05 -7.34 12.66
C ARG A 222 -12.08 -8.67 11.91
N LYS A 223 -11.89 -8.57 10.60
CA LYS A 223 -11.86 -9.73 9.71
C LYS A 223 -10.64 -9.56 8.81
N GLU A 224 -9.56 -10.22 9.21
CA GLU A 224 -8.27 -10.04 8.59
C GLU A 224 -7.80 -11.41 8.00
N PRO A 225 -7.50 -11.45 6.68
CA PRO A 225 -7.79 -10.42 5.67
C PRO A 225 -9.29 -10.37 5.35
N PHE A 226 -9.77 -9.21 4.87
CA PHE A 226 -11.20 -9.07 4.63
C PHE A 226 -11.71 -9.91 3.44
N PHE A 227 -11.00 -9.86 2.32
CA PHE A 227 -11.30 -10.68 1.14
C PHE A 227 -10.25 -11.77 1.07
N TYR A 228 -10.66 -12.98 1.41
CA TYR A 228 -9.70 -14.05 1.65
C TYR A 228 -9.79 -15.13 0.57
N GLY A 229 -9.25 -14.83 -0.61
CA GLY A 229 -9.19 -15.79 -1.72
C GLY A 229 -7.94 -16.63 -1.65
N HIS A 230 -8.03 -17.87 -2.12
CA HIS A 230 -6.88 -18.79 -2.11
C HIS A 230 -5.97 -18.67 -3.30
N ASP A 231 -6.49 -18.23 -4.43
CA ASP A 231 -5.69 -17.90 -5.61
C ASP A 231 -6.35 -16.67 -6.26
N ASN A 232 -5.79 -16.15 -7.36
CA ASN A 232 -6.28 -14.89 -7.94
C ASN A 232 -7.68 -14.97 -8.49
N HIS A 233 -8.07 -16.15 -9.00
CA HIS A 233 -9.47 -16.35 -9.41
C HIS A 233 -10.41 -16.30 -8.24
N ASP A 234 -10.05 -17.00 -7.17
CA ASP A 234 -10.85 -17.07 -5.94
C ASP A 234 -10.95 -15.69 -5.29
N GLN A 235 -9.88 -14.91 -5.41
CA GLN A 235 -9.89 -13.53 -4.91
C GLN A 235 -11.00 -12.69 -5.55
N LEU A 236 -11.20 -12.82 -6.87
CA LEU A 236 -12.29 -12.07 -7.51
C LEU A 236 -13.66 -12.60 -7.07
N VAL A 237 -13.77 -13.91 -6.91
CA VAL A 237 -15.00 -14.53 -6.40
C VAL A 237 -15.38 -13.95 -5.03
N LYS A 238 -14.40 -13.90 -4.13
CA LYS A 238 -14.62 -13.37 -2.77
C LYS A 238 -15.14 -11.94 -2.79
N ILE A 239 -14.54 -11.10 -3.64
CA ILE A 239 -15.00 -9.72 -3.82
C ILE A 239 -16.43 -9.69 -4.38
N ALA A 240 -16.67 -10.44 -5.47
CA ALA A 240 -17.98 -10.48 -6.14
C ALA A 240 -19.12 -10.89 -5.20
N LYS A 241 -18.82 -11.80 -4.28
CA LYS A 241 -19.77 -12.24 -3.26
C LYS A 241 -20.11 -11.15 -2.24
N VAL A 242 -19.33 -10.08 -2.20
CA VAL A 242 -19.63 -8.93 -1.34
C VAL A 242 -20.26 -7.80 -2.15
N LEU A 243 -19.55 -7.34 -3.17
CA LEU A 243 -20.02 -6.21 -3.98
C LEU A 243 -21.16 -6.55 -4.94
N GLY A 244 -21.30 -7.82 -5.29
CA GLY A 244 -22.33 -8.27 -6.23
C GLY A 244 -21.82 -8.29 -7.67
N THR A 245 -22.39 -9.16 -8.48
CA THR A 245 -21.94 -9.30 -9.87
C THR A 245 -22.55 -8.29 -10.82
N ASP A 246 -23.71 -7.73 -10.46
CA ASP A 246 -24.33 -6.68 -11.27
C ASP A 246 -23.38 -5.52 -11.42
N GLY A 247 -22.79 -5.09 -10.30
CA GLY A 247 -21.76 -4.05 -10.28
C GLY A 247 -20.54 -4.44 -11.09
N LEU A 248 -20.20 -5.72 -11.07
CA LEU A 248 -19.03 -6.24 -11.80
C LEU A 248 -19.24 -6.14 -13.31
N ASN A 249 -20.44 -6.50 -13.76
CA ASN A 249 -20.77 -6.47 -15.17
C ASN A 249 -20.73 -5.07 -15.80
N VAL A 250 -21.27 -4.07 -15.09
CA VAL A 250 -21.20 -2.67 -15.58
C VAL A 250 -19.77 -2.21 -15.76
N TYR A 251 -18.93 -2.52 -14.76
CA TYR A 251 -17.49 -2.29 -14.78
C TYR A 251 -16.84 -2.90 -16.02
N LEU A 252 -17.02 -4.21 -16.19
CA LEU A 252 -16.43 -4.93 -17.33
C LEU A 252 -16.85 -4.33 -18.66
N ASN A 253 -18.12 -3.96 -18.77
CA ASN A 253 -18.66 -3.32 -19.98
C ASN A 253 -18.04 -1.95 -20.26
N LYS A 254 -17.89 -1.14 -19.21
CA LYS A 254 -17.32 0.20 -19.33
C LYS A 254 -15.91 0.19 -19.94
N TYR A 255 -15.05 -0.72 -19.47
CA TYR A 255 -13.67 -0.81 -19.96
C TYR A 255 -13.51 -1.94 -20.99
N ARG A 256 -14.64 -2.38 -21.54
CA ARG A 256 -14.71 -3.44 -22.57
C ARG A 256 -13.83 -4.65 -22.28
N ILE A 257 -13.97 -5.20 -21.09
CA ILE A 257 -13.17 -6.36 -20.70
C ILE A 257 -14.04 -7.60 -20.61
N GLU A 258 -13.53 -8.70 -21.14
CA GLU A 258 -14.19 -9.98 -21.03
C GLU A 258 -13.35 -10.88 -20.15
N LEU A 259 -14.00 -11.51 -19.17
CA LEU A 259 -13.36 -12.47 -18.30
C LEU A 259 -13.06 -13.76 -19.04
N ASP A 260 -12.04 -14.48 -18.59
CA ASP A 260 -11.80 -15.85 -19.06
C ASP A 260 -13.03 -16.68 -18.67
N PRO A 261 -13.48 -17.55 -19.60
CA PRO A 261 -14.65 -18.40 -19.34
C PRO A 261 -14.55 -19.19 -18.03
N GLN A 262 -13.34 -19.62 -17.67
CA GLN A 262 -13.10 -20.33 -16.40
C GLN A 262 -13.43 -19.43 -15.21
N LEU A 263 -12.96 -18.19 -15.28
CA LEU A 263 -13.17 -17.20 -14.24
C LEU A 263 -14.65 -16.81 -14.14
N GLU A 264 -15.25 -16.50 -15.27
CA GLU A 264 -16.69 -16.19 -15.36
C GLU A 264 -17.54 -17.24 -14.66
N ALA A 265 -17.25 -18.51 -14.92
CA ALA A 265 -18.00 -19.63 -14.34
C ALA A 265 -17.83 -19.69 -12.81
N LEU A 266 -16.63 -19.42 -12.33
CA LEU A 266 -16.33 -19.40 -10.90
C LEU A 266 -17.03 -18.23 -10.20
N VAL A 267 -17.11 -17.10 -10.88
CA VAL A 267 -17.71 -15.89 -10.30
C VAL A 267 -19.22 -16.07 -10.15
N GLY A 268 -19.85 -16.69 -11.15
CA GLY A 268 -21.30 -16.94 -11.12
C GLY A 268 -22.08 -15.64 -11.05
N ARG A 269 -23.19 -15.67 -10.32
CA ARG A 269 -24.00 -14.47 -10.07
C ARG A 269 -24.26 -14.31 -8.59
N HIS A 270 -24.06 -13.09 -8.08
CA HIS A 270 -24.17 -12.81 -6.65
C HIS A 270 -24.84 -11.49 -6.37
N SER A 271 -25.73 -11.50 -5.39
CA SER A 271 -26.37 -10.29 -4.89
C SER A 271 -25.36 -9.45 -4.09
N ARG A 272 -25.57 -8.14 -4.02
CA ARG A 272 -24.75 -7.28 -3.18
C ARG A 272 -25.09 -7.51 -1.71
N LYS A 273 -24.07 -7.73 -0.92
CA LYS A 273 -24.18 -7.89 0.53
C LYS A 273 -23.89 -6.53 1.18
N PRO A 274 -24.89 -5.93 1.85
CA PRO A 274 -24.67 -4.63 2.49
C PRO A 274 -23.62 -4.72 3.59
N TRP A 275 -22.90 -3.62 3.81
CA TRP A 275 -21.79 -3.57 4.76
C TRP A 275 -22.15 -3.92 6.18
N LEU A 276 -23.37 -3.56 6.59
CA LEU A 276 -23.85 -3.84 7.95
C LEU A 276 -23.95 -5.33 8.28
N LYS A 277 -24.03 -6.17 7.24
CA LYS A 277 -24.03 -7.62 7.43
C LYS A 277 -22.73 -8.20 8.01
N PHE A 278 -21.67 -7.39 8.01
CA PHE A 278 -20.37 -7.80 8.57
C PHE A 278 -20.25 -7.38 10.04
N MET A 279 -21.22 -6.59 10.51
CA MET A 279 -21.23 -6.11 11.89
C MET A 279 -21.59 -7.22 12.88
N ASN A 280 -20.84 -7.28 13.97
CA ASN A 280 -21.10 -8.24 15.04
C ASN A 280 -20.73 -7.61 16.38
N ALA A 281 -20.86 -8.40 17.45
CA ALA A 281 -20.58 -7.93 18.82
C ALA A 281 -19.14 -7.49 19.03
N ASP A 282 -18.19 -8.22 18.43
CA ASP A 282 -16.77 -7.89 18.55
C ASP A 282 -16.37 -6.57 17.85
N ASN A 283 -16.99 -6.27 16.72
CA ASN A 283 -16.60 -5.11 15.91
C ASN A 283 -17.51 -3.87 16.06
N GLN A 284 -18.60 -4.05 16.78
CA GLN A 284 -19.67 -3.07 16.95
C GLN A 284 -19.24 -1.62 17.22
N HIS A 285 -18.25 -1.44 18.09
CA HIS A 285 -17.78 -0.09 18.48
C HIS A 285 -16.97 0.62 17.41
N LEU A 286 -16.79 -0.04 16.26
CA LEU A 286 -15.98 0.48 15.17
C LEU A 286 -16.73 0.75 13.85
N VAL A 287 -18.00 0.33 13.76
CA VAL A 287 -18.69 0.22 12.45
C VAL A 287 -19.77 1.29 12.20
N SER A 288 -19.50 2.51 12.66
CA SER A 288 -20.45 3.64 12.57
C SER A 288 -20.84 4.00 11.12
N PRO A 289 -21.91 4.80 10.95
CA PRO A 289 -22.33 5.22 9.61
C PRO A 289 -21.26 5.94 8.81
N GLU A 290 -20.41 6.73 9.47
CA GLU A 290 -19.33 7.42 8.76
C GLU A 290 -18.26 6.45 8.28
N ALA A 291 -17.92 5.48 9.10
CA ALA A 291 -16.97 4.44 8.70
C ALA A 291 -17.48 3.71 7.46
N ILE A 292 -18.77 3.36 7.49
CA ILE A 292 -19.37 2.62 6.39
C ILE A 292 -19.40 3.47 5.14
N ASP A 293 -19.79 4.75 5.29
CA ASP A 293 -19.81 5.62 4.13
C ASP A 293 -18.45 5.75 3.50
N PHE A 294 -17.44 5.90 4.35
CA PHE A 294 -16.09 6.02 3.88
C PHE A 294 -15.63 4.74 3.15
N LEU A 295 -15.80 3.60 3.82
CA LEU A 295 -15.44 2.29 3.21
C LEU A 295 -16.12 2.09 1.85
N ASP A 296 -17.40 2.43 1.79
CA ASP A 296 -18.15 2.21 0.56
C ASP A 296 -17.58 3.01 -0.60
N LYS A 297 -16.98 4.15 -0.27
CA LYS A 297 -16.42 5.02 -1.27
C LYS A 297 -15.02 4.62 -1.72
N LEU A 298 -14.39 3.70 -0.98
CA LEU A 298 -13.12 3.10 -1.39
C LEU A 298 -13.31 1.78 -2.16
N LEU A 299 -14.14 0.89 -1.61
CA LEU A 299 -14.33 -0.42 -2.21
C LEU A 299 -15.37 -0.42 -3.35
N ARG A 300 -14.95 0.19 -4.47
CA ARG A 300 -15.74 0.24 -5.72
C ARG A 300 -14.95 -0.52 -6.80
N TYR A 301 -15.65 -1.35 -7.57
CA TYR A 301 -15.01 -2.03 -8.73
C TYR A 301 -14.32 -1.01 -9.61
N ASP A 302 -15.05 0.05 -9.96
CA ASP A 302 -14.55 1.04 -10.88
C ASP A 302 -13.51 1.90 -10.18
N HIS A 303 -12.26 1.75 -10.60
CA HIS A 303 -11.13 2.50 -10.03
C HIS A 303 -11.27 4.00 -10.17
N GLN A 304 -11.98 4.45 -11.22
CA GLN A 304 -12.20 5.88 -11.45
C GLN A 304 -13.25 6.46 -10.51
N GLU A 305 -13.98 5.58 -9.83
CA GLU A 305 -15.06 5.98 -8.93
C GLU A 305 -14.58 6.12 -7.49
N ARG A 306 -13.44 5.50 -7.16
CA ARG A 306 -12.93 5.54 -5.79
C ARG A 306 -12.49 6.91 -5.36
N LEU A 307 -12.59 7.20 -4.07
CA LEU A 307 -12.01 8.43 -3.55
C LEU A 307 -10.53 8.48 -3.86
N THR A 308 -10.04 9.68 -4.17
CA THR A 308 -8.59 9.94 -4.23
C THR A 308 -8.11 10.02 -2.79
N ALA A 309 -6.80 9.89 -2.56
CA ALA A 309 -6.29 10.05 -1.19
C ALA A 309 -6.63 11.41 -0.62
N LEU A 310 -6.51 12.46 -1.44
CA LEU A 310 -6.81 13.84 -0.96
C LEU A 310 -8.27 13.94 -0.49
N GLU A 311 -9.18 13.40 -1.28
CA GLU A 311 -10.62 13.36 -0.91
C GLU A 311 -10.88 12.57 0.33
N ALA A 312 -10.25 11.39 0.42
CA ALA A 312 -10.45 10.57 1.58
C ALA A 312 -10.09 11.33 2.85
N MET A 313 -9.01 12.12 2.80
CA MET A 313 -8.57 12.83 4.03
C MET A 313 -9.61 13.87 4.52
N THR A 314 -10.44 14.33 3.60
CA THR A 314 -11.49 15.36 3.92
C THR A 314 -12.82 14.73 4.32
N HIS A 315 -12.93 13.41 4.21
CA HIS A 315 -14.17 12.73 4.61
C HIS A 315 -14.55 13.03 6.05
N PRO A 316 -15.87 13.24 6.33
CA PRO A 316 -16.22 13.55 7.72
C PRO A 316 -15.82 12.48 8.75
N TYR A 317 -15.57 11.24 8.31
CA TYR A 317 -15.03 10.19 9.20
C TYR A 317 -13.82 10.68 10.01
N PHE A 318 -12.99 11.52 9.41
CA PHE A 318 -11.73 11.98 10.03
C PHE A 318 -11.78 13.34 10.67
N GLN A 319 -12.98 13.90 10.77
CA GLN A 319 -13.13 15.28 11.27
CA GLN A 319 -13.10 15.27 11.24
C GLN A 319 -12.44 15.52 12.62
N GLN A 320 -12.52 14.55 13.53
CA GLN A 320 -11.88 14.69 14.86
C GLN A 320 -10.35 14.71 14.73
N VAL A 321 -9.82 13.83 13.87
CA VAL A 321 -8.39 13.80 13.58
C VAL A 321 -7.88 15.14 13.01
N ARG A 322 -8.61 15.68 12.03
CA ARG A 322 -8.28 17.00 11.45
C ARG A 322 -8.33 18.09 12.51
N ALA A 323 -9.35 18.06 13.36
CA ALA A 323 -9.56 19.11 14.34
C ALA A 323 -8.40 19.14 15.35
N ALA A 324 -7.95 17.95 15.75
CA ALA A 324 -6.81 17.80 16.65
C ALA A 324 -5.53 18.38 16.05
N GLU A 325 -5.36 18.17 14.75
CA GLU A 325 -4.20 18.66 14.02
C GLU A 325 -4.26 20.18 13.82
N ASN A 326 -5.45 20.68 13.50
CA ASN A 326 -5.75 22.13 13.48
C ASN A 326 -5.90 22.67 14.91
C1 EDO B . -6.76 -6.27 10.05
O1 EDO B . -7.40 -5.81 11.25
C2 EDO B . -6.13 -5.11 9.32
O2 EDO B . -6.69 -4.94 8.02
C1 EDO C . -13.87 2.33 20.55
O1 EDO C . -12.59 2.79 20.94
C2 EDO C . -14.91 3.42 20.85
O2 EDO C . -16.10 3.19 20.09
C1 EDO D . -6.60 7.66 -6.56
O1 EDO D . -6.06 8.88 -6.96
C2 EDO D . -8.07 7.60 -6.88
O2 EDO D . -8.68 6.64 -6.04
C1 EDO E . -4.88 14.35 -14.14
O1 EDO E . -6.01 14.39 -15.08
C2 EDO E . -4.21 15.72 -13.93
O2 EDO E . -2.97 16.03 -14.59
C1 PEG F . -19.90 -0.78 -4.16
O1 PEG F . -19.01 -0.16 -3.19
C2 PEG F . -19.70 -0.30 -5.60
O2 PEG F . -18.78 -1.18 -6.31
C3 PEG F . -18.65 -1.00 -7.73
C4 PEG F . -18.38 0.43 -8.14
O4 PEG F . -17.92 0.56 -9.51
CAG AGI G . 11.79 -0.33 5.96
CAE AGI G . 11.86 -0.12 4.58
CAM AGI G . 11.57 -1.16 3.72
OAB AGI G . 11.65 -0.89 2.40
CAF AGI G . 11.26 -2.45 4.17
CAH AGI G . 11.19 -2.68 5.54
CAP AGI G . 11.47 -1.60 6.40
CAQ AGI G . 11.31 -1.84 7.83
OAL AGI G . 10.78 -3.03 8.12
CAJ AGI G . 11.52 -0.84 8.79
CAR AGI G . 11.23 -1.15 10.11
OAA AGI G . 11.45 -0.31 11.01
CAT AGI G . 10.72 -2.51 10.45
CAS AGI G . 10.50 -3.40 9.40
CAK AGI G . 9.98 -4.67 9.64
CAN AGI G . 9.68 -5.06 10.95
OAC AGI G . 9.17 -6.31 11.21
CAI AGI G . 9.89 -4.18 11.99
CAO AGI G . 10.42 -2.93 11.75
OAD AGI G . 10.60 -2.13 12.83
#